data_4CG8
#
_entry.id   4CG8
#
_cell.length_a   61.554
_cell.length_b   61.554
_cell.length_c   221.113
_cell.angle_alpha   90.00
_cell.angle_beta   90.00
_cell.angle_gamma   90.00
#
_symmetry.space_group_name_H-M   'P 43 21 2'
#
loop_
_entity.id
_entity.type
_entity.pdbx_description
1 polymer 'CHOLINE KINASE ALPHA'
2 non-polymer 4-[(4-chlorophenyl)(methyl)amino]-1-{4-[4-(4-{[4-(dimethylamino)pyridinium-1-yl]methyl}phenyl)butyl]benzyl}pyridinium
3 non-polymer 1-benzyl-4-(dimethylamino)pyridinium
4 water water
#
_entity_poly.entity_id   1
_entity_poly.type   'polypeptide(L)'
_entity_poly.pdbx_seq_one_letter_code
;PQPPADEQPEPRTRRRAYLWCKEFLPGAWRGLREDEFHISVIRGGLSNMLFQCSLPDTTATLGDEPRKVLLRLYGAILQM
RSCNKEGSEQAQKENEFQGAEAMVLESVMFAILAERSLGPKLYGIFPQGRLEQFIPSRRLDTEELSLPDISAEIAEKMAT
FHGMKMPFNKEPKWLFGTMEKYLKEVLRIKFTEESRIKKLHKLLSYNLPLELENLRSLLESTPSPVVFCHNDCQEGNILL
LEGRENSEKQKLMLIDFEYSSYNYRGFDIGNHFCEWMYDYSYEKYPFFRANIRKYPTKKQQLHFISSYLPAFQNDFENLS
TEEKSIIKEEMLLEVNRFALASHFLWGLWSIVQAKISSIEFGYMDYAQARFDAYFHQKRKLGV
;
_entity_poly.pdbx_strand_id   A
#
# COMPACT_ATOMS: atom_id res chain seq x y z
N ASP A 6 23.30 12.97 -7.94
CA ASP A 6 23.13 13.06 -6.46
C ASP A 6 22.57 14.42 -6.06
N GLU A 7 21.25 14.49 -5.90
CA GLU A 7 20.61 15.72 -5.44
C GLU A 7 20.89 15.90 -3.94
N GLN A 8 21.42 17.07 -3.59
CA GLN A 8 21.81 17.35 -2.21
C GLN A 8 20.68 17.99 -1.44
N PRO A 9 20.49 17.61 -0.15
CA PRO A 9 19.45 18.20 0.67
C PRO A 9 19.79 19.65 1.02
N GLU A 10 18.81 20.39 1.52
CA GLU A 10 19.07 21.72 2.09
C GLU A 10 20.08 21.61 3.22
N PRO A 11 20.92 22.65 3.41
CA PRO A 11 21.91 22.65 4.49
C PRO A 11 21.36 22.30 5.89
N ARG A 12 20.18 22.82 6.24
CA ARG A 12 19.57 22.49 7.52
C ARG A 12 19.25 21.00 7.64
N THR A 13 18.84 20.37 6.54
CA THR A 13 18.52 18.94 6.55
C THR A 13 19.79 18.08 6.59
N ARG A 14 20.83 18.49 5.84
CA ARG A 14 22.12 17.81 5.94
C ARG A 14 22.61 17.73 7.40
N ARG A 15 22.57 18.87 8.11
CA ARG A 15 23.03 18.94 9.48
C ARG A 15 22.19 18.08 10.42
N ARG A 16 20.87 18.15 10.25
CA ARG A 16 19.97 17.36 11.11
C ARG A 16 20.18 15.88 10.88
N ALA A 17 20.35 15.50 9.61
CA ALA A 17 20.56 14.10 9.23
C ALA A 17 21.87 13.58 9.80
N TYR A 18 22.93 14.39 9.71
CA TYR A 18 24.22 14.02 10.26
C TYR A 18 24.12 13.70 11.75
N LEU A 19 23.44 14.57 12.48
CA LEU A 19 23.28 14.41 13.94
C LEU A 19 22.47 13.14 14.28
N TRP A 20 21.38 12.89 13.56
CA TRP A 20 20.57 11.66 13.79
C TRP A 20 21.38 10.43 13.50
N CYS A 21 22.11 10.41 12.40
CA CYS A 21 22.98 9.23 12.10
C CYS A 21 24.08 9.03 13.13
N LYS A 22 24.74 10.12 13.51
CA LYS A 22 25.85 10.08 14.44
C LYS A 22 25.41 9.57 15.83
N GLU A 23 24.20 9.96 16.24
CA GLU A 23 23.74 9.64 17.59
C GLU A 23 22.98 8.32 17.69
N PHE A 24 22.29 7.93 16.61
CA PHE A 24 21.45 6.71 16.64
C PHE A 24 22.12 5.44 16.08
N LEU A 25 23.17 5.62 15.27
CA LEU A 25 23.81 4.45 14.66
C LEU A 25 25.13 4.16 15.35
N PRO A 26 25.44 2.89 15.57
CA PRO A 26 26.66 2.48 16.27
C PRO A 26 27.91 2.40 15.37
N GLY A 27 29.03 2.06 16.00
CA GLY A 27 30.28 1.79 15.27
C GLY A 27 30.88 3.03 14.69
N ALA A 28 31.23 2.95 13.42
CA ALA A 28 31.94 4.03 12.73
C ALA A 28 31.13 5.32 12.68
N TRP A 29 29.80 5.23 12.77
CA TRP A 29 28.93 6.41 12.76
C TRP A 29 29.16 7.33 13.92
N ARG A 30 29.44 6.74 15.08
CA ARG A 30 29.52 7.49 16.35
C ARG A 30 30.63 8.53 16.34
N GLY A 31 31.71 8.23 15.62
CA GLY A 31 32.86 9.13 15.53
C GLY A 31 32.99 9.88 14.21
N LEU A 32 31.95 9.79 13.38
CA LEU A 32 31.99 10.37 12.04
C LEU A 32 32.04 11.90 12.09
N ARG A 33 32.88 12.48 11.24
CA ARG A 33 32.98 13.93 11.13
C ARG A 33 31.96 14.42 10.11
N GLU A 34 31.44 15.62 10.33
CA GLU A 34 30.43 16.18 9.42
C GLU A 34 30.93 16.21 7.97
N ASP A 35 32.20 16.54 7.76
CA ASP A 35 32.69 16.64 6.39
C ASP A 35 32.90 15.29 5.68
N GLU A 36 32.66 14.19 6.40
CA GLU A 36 32.75 12.84 5.82
C GLU A 36 31.34 12.25 5.59
N PHE A 37 30.31 12.97 6.01
CA PHE A 37 28.93 12.47 5.93
C PHE A 37 28.42 12.59 4.48
N HIS A 38 27.84 11.50 3.95
CA HIS A 38 27.21 11.52 2.64
C HIS A 38 25.73 11.38 2.74
N ILE A 39 25.01 12.21 2.01
CA ILE A 39 23.53 12.19 1.97
C ILE A 39 23.04 12.63 0.59
N SER A 40 22.03 11.95 0.09
CA SER A 40 21.36 12.38 -1.13
C SER A 40 19.85 12.28 -0.99
N VAL A 41 19.14 13.12 -1.75
CA VAL A 41 17.68 13.11 -1.75
C VAL A 41 17.15 11.97 -2.62
N ILE A 42 16.26 11.16 -2.06
CA ILE A 42 15.58 10.11 -2.82
C ILE A 42 14.24 10.67 -3.32
N ARG A 43 13.46 11.21 -2.38
CA ARG A 43 12.25 11.93 -2.71
C ARG A 43 12.13 13.15 -1.79
N GLY A 44 11.89 14.31 -2.38
CA GLY A 44 11.65 15.53 -1.62
C GLY A 44 10.16 15.72 -1.41
N GLY A 45 9.74 16.96 -1.20
CA GLY A 45 8.33 17.27 -1.01
C GLY A 45 8.08 17.96 0.32
N LEU A 46 6.86 17.86 0.80
CA LEU A 46 6.44 18.54 2.03
C LEU A 46 6.30 17.55 3.21
N SER A 47 6.02 16.30 2.89
CA SER A 47 5.90 15.23 3.89
C SER A 47 6.44 13.91 3.35
N ASN A 48 6.79 13.00 4.25
CA ASN A 48 7.32 11.68 3.90
C ASN A 48 8.54 11.76 2.96
N MET A 49 9.42 12.73 3.26
CA MET A 49 10.65 12.94 2.49
C MET A 49 11.65 11.83 2.78
N LEU A 50 12.40 11.41 1.75
CA LEU A 50 13.33 10.28 1.88
C LEU A 50 14.73 10.66 1.46
N PHE A 51 15.71 10.22 2.25
CA PHE A 51 17.12 10.49 1.97
C PHE A 51 17.92 9.22 2.17
N GLN A 52 18.98 9.05 1.39
CA GLN A 52 19.92 7.97 1.63
C GLN A 52 21.14 8.60 2.32
N CYS A 53 21.57 7.97 3.43
CA CYS A 53 22.72 8.46 4.19
C CYS A 53 23.74 7.36 4.22
N SER A 54 25.02 7.71 4.04
CA SER A 54 26.06 6.66 4.02
C SER A 54 27.41 7.11 4.58
N LEU A 55 28.19 6.13 5.05
CA LEU A 55 29.59 6.34 5.38
C LEU A 55 30.41 6.61 4.10
N PRO A 56 31.55 7.31 4.23
CA PRO A 56 32.53 7.40 3.13
C PRO A 56 33.00 6.00 2.74
N ASP A 57 33.27 5.79 1.46
CA ASP A 57 33.81 4.51 1.01
C ASP A 57 35.13 4.18 1.70
N THR A 58 35.84 5.22 2.14
CA THR A 58 37.14 5.07 2.80
C THR A 58 37.08 4.83 4.32
N THR A 59 35.87 4.78 4.89
CA THR A 59 35.66 4.43 6.30
C THR A 59 35.21 2.98 6.45
N ALA A 60 35.99 2.20 7.19
CA ALA A 60 35.64 0.80 7.50
C ALA A 60 34.59 0.69 8.59
N THR A 61 33.70 -0.29 8.49
CA THR A 61 32.79 -0.55 9.60
C THR A 61 33.55 -1.23 10.74
N LEU A 62 33.12 -0.97 11.97
CA LEU A 62 33.80 -1.49 13.16
C LEU A 62 33.18 -2.79 13.63
N GLY A 63 31.88 -2.94 13.36
CA GLY A 63 31.13 -4.13 13.74
C GLY A 63 30.06 -4.46 12.72
N ASP A 64 28.81 -4.53 13.16
CA ASP A 64 27.72 -4.95 12.31
C ASP A 64 26.86 -3.78 11.85
N GLU A 65 27.36 -2.56 12.03
CA GLU A 65 26.57 -1.36 11.70
C GLU A 65 26.34 -1.27 10.19
N PRO A 66 25.21 -0.67 9.78
CA PRO A 66 24.97 -0.50 8.35
C PRO A 66 25.87 0.56 7.73
N ARG A 67 26.29 0.34 6.48
CA ARG A 67 27.09 1.34 5.78
C ARG A 67 26.22 2.44 5.20
N LYS A 68 24.96 2.10 4.95
CA LYS A 68 24.01 2.98 4.30
C LYS A 68 22.67 2.77 4.99
N VAL A 69 21.92 3.85 5.20
CA VAL A 69 20.58 3.80 5.79
C VAL A 69 19.62 4.73 5.06
N LEU A 70 18.32 4.54 5.29
CA LEU A 70 17.30 5.43 4.77
C LEU A 70 16.80 6.31 5.90
N LEU A 71 16.76 7.61 5.66
CA LEU A 71 16.18 8.58 6.58
C LEU A 71 14.80 8.97 6.03
N ARG A 72 13.76 8.75 6.81
CA ARG A 72 12.38 9.12 6.47
C ARG A 72 11.95 10.28 7.35
N LEU A 73 11.54 11.39 6.74
CA LEU A 73 11.06 12.55 7.50
C LEU A 73 9.55 12.70 7.39
N TYR A 74 8.87 12.89 8.53
CA TYR A 74 7.42 13.05 8.50
C TYR A 74 7.01 14.37 7.84
N GLY A 75 7.70 15.44 8.22
CA GLY A 75 7.44 16.77 7.66
C GLY A 75 6.37 17.54 8.40
N GLU A 101 -3.32 7.71 19.15
CA GLU A 101 -2.31 8.41 18.37
C GLU A 101 -1.80 7.58 17.19
N ALA A 102 -1.97 8.14 15.99
CA ALA A 102 -1.53 7.54 14.75
C ALA A 102 -0.01 7.34 14.77
N MET A 103 0.70 8.31 15.35
CA MET A 103 2.15 8.23 15.53
C MET A 103 2.56 6.96 16.26
N VAL A 104 1.92 6.70 17.40
CA VAL A 104 2.25 5.55 18.24
C VAL A 104 1.97 4.25 17.50
N LEU A 105 0.78 4.13 16.91
CA LEU A 105 0.38 2.88 16.23
C LEU A 105 1.31 2.56 15.05
N GLU A 106 1.65 3.58 14.27
CA GLU A 106 2.49 3.40 13.11
C GLU A 106 3.89 2.93 13.52
N SER A 107 4.41 3.51 14.61
CA SER A 107 5.77 3.22 15.05
C SER A 107 5.87 1.82 15.62
N VAL A 108 4.89 1.45 16.44
CA VAL A 108 4.79 0.09 16.97
C VAL A 108 4.66 -0.95 15.85
N MET A 109 3.76 -0.70 14.89
CA MET A 109 3.62 -1.59 13.73
CA MET A 109 3.62 -1.61 13.75
C MET A 109 4.95 -1.77 13.01
N PHE A 110 5.63 -0.67 12.69
CA PHE A 110 6.89 -0.76 11.94
C PHE A 110 7.93 -1.56 12.72
N ALA A 111 8.02 -1.27 14.01
CA ALA A 111 8.97 -1.97 14.87
C ALA A 111 8.70 -3.46 14.93
N ILE A 112 7.41 -3.84 15.02
CA ILE A 112 7.05 -5.27 15.10
C ILE A 112 7.36 -5.98 13.78
N LEU A 113 7.00 -5.37 12.64
CA LEU A 113 7.31 -6.00 11.35
C LEU A 113 8.81 -6.18 11.16
N ALA A 114 9.59 -5.20 11.62
CA ALA A 114 11.06 -5.31 11.58
C ALA A 114 11.55 -6.50 12.41
N GLU A 115 11.04 -6.64 13.64
CA GLU A 115 11.44 -7.74 14.53
C GLU A 115 11.16 -9.09 13.88
N ARG A 116 10.06 -9.18 13.15
CA ARG A 116 9.60 -10.42 12.53
C ARG A 116 10.19 -10.69 11.16
N SER A 117 11.16 -9.85 10.75
CA SER A 117 11.83 -9.96 9.44
C SER A 117 10.83 -9.81 8.28
N LEU A 118 9.81 -8.99 8.48
CA LEU A 118 8.79 -8.74 7.47
C LEU A 118 8.79 -7.29 6.97
N GLY A 119 9.81 -6.54 7.33
CA GLY A 119 9.94 -5.19 6.82
C GLY A 119 11.37 -4.78 7.08
N PRO A 120 11.76 -3.60 6.60
CA PRO A 120 13.12 -3.07 6.81
C PRO A 120 13.38 -2.94 8.31
N LYS A 121 14.63 -3.15 8.73
CA LYS A 121 14.95 -2.99 10.14
C LYS A 121 14.77 -1.52 10.54
N LEU A 122 14.54 -1.32 11.83
CA LEU A 122 14.37 0.01 12.40
C LEU A 122 15.62 0.34 13.20
N TYR A 123 16.39 1.33 12.74
CA TYR A 123 17.64 1.74 13.42
C TYR A 123 17.51 2.90 14.42
N GLY A 124 16.54 3.77 14.20
CA GLY A 124 16.36 4.95 15.06
C GLY A 124 14.99 5.53 14.91
N ILE A 125 14.43 6.03 16.02
CA ILE A 125 13.13 6.68 15.99
C ILE A 125 13.19 7.96 16.82
N PHE A 126 12.62 9.04 16.29
CA PHE A 126 12.70 10.39 16.88
C PHE A 126 11.50 11.23 16.40
N PRO A 127 11.23 12.38 17.06
CA PRO A 127 9.98 13.09 16.72
C PRO A 127 9.82 13.42 15.23
N GLN A 128 10.93 13.71 14.55
CA GLN A 128 10.86 14.16 13.14
C GLN A 128 10.85 13.04 12.10
N GLY A 129 11.11 11.81 12.52
CA GLY A 129 11.17 10.70 11.58
C GLY A 129 11.88 9.46 12.10
N ARG A 130 12.47 8.70 11.19
CA ARG A 130 13.15 7.46 11.56
C ARG A 130 14.28 7.12 10.62
N LEU A 131 15.20 6.29 11.12
CA LEU A 131 16.25 5.70 10.30
C LEU A 131 15.91 4.23 10.10
N GLU A 132 15.86 3.80 8.83
CA GLU A 132 15.48 2.45 8.45
C GLU A 132 16.60 1.81 7.64
N GLN A 133 16.57 0.48 7.61
CA GLN A 133 17.47 -0.28 6.77
C GLN A 133 17.26 0.13 5.30
N PHE A 134 18.36 0.33 4.57
CA PHE A 134 18.27 0.59 3.14
C PHE A 134 18.23 -0.75 2.39
N ILE A 135 17.22 -0.90 1.54
CA ILE A 135 17.00 -2.16 0.79
C ILE A 135 17.22 -1.89 -0.69
N PRO A 136 18.38 -2.32 -1.22
CA PRO A 136 18.59 -2.05 -2.64
C PRO A 136 17.49 -2.73 -3.49
N SER A 137 16.86 -1.96 -4.37
CA SER A 137 15.62 -2.38 -5.02
C SER A 137 15.10 -1.31 -5.98
N ARG A 138 14.08 -1.67 -6.73
CA ARG A 138 13.20 -0.69 -7.39
C ARG A 138 11.75 -1.09 -7.11
N ARG A 139 10.82 -0.17 -7.30
CA ARG A 139 9.40 -0.52 -7.21
C ARG A 139 8.98 -1.27 -8.45
N LEU A 140 7.94 -2.10 -8.33
CA LEU A 140 7.33 -2.71 -9.50
C LEU A 140 6.57 -1.67 -10.33
N ASP A 141 6.37 -1.98 -11.62
CA ASP A 141 5.48 -1.22 -12.51
C ASP A 141 4.13 -1.93 -12.58
N THR A 142 3.09 -1.21 -12.98
CA THR A 142 1.74 -1.80 -13.03
C THR A 142 1.69 -3.07 -13.87
N GLU A 143 2.34 -3.05 -15.05
CA GLU A 143 2.31 -4.22 -15.95
C GLU A 143 2.87 -5.49 -15.29
N GLU A 144 3.78 -5.32 -14.34
CA GLU A 144 4.45 -6.46 -13.69
C GLU A 144 3.54 -7.21 -12.71
N LEU A 145 2.48 -6.56 -12.25
CA LEU A 145 1.52 -7.20 -11.34
C LEU A 145 0.90 -8.49 -11.91
N SER A 146 0.78 -8.58 -13.23
CA SER A 146 0.12 -9.72 -13.86
C SER A 146 1.07 -10.86 -14.22
N LEU A 147 2.38 -10.67 -14.01
CA LEU A 147 3.33 -11.74 -14.32
C LEU A 147 3.05 -12.90 -13.35
N PRO A 148 2.89 -14.13 -13.89
CA PRO A 148 2.46 -15.22 -12.99
C PRO A 148 3.34 -15.44 -11.74
N ASP A 149 4.67 -15.42 -11.88
CA ASP A 149 5.57 -15.56 -10.73
C ASP A 149 5.49 -14.41 -9.73
N ILE A 150 5.32 -13.18 -10.24
CA ILE A 150 5.15 -12.00 -9.40
C ILE A 150 3.82 -12.10 -8.63
N SER A 151 2.74 -12.40 -9.36
CA SER A 151 1.41 -12.51 -8.76
C SER A 151 1.38 -13.59 -7.68
N ALA A 152 1.96 -14.75 -7.98
CA ALA A 152 2.08 -15.82 -6.98
C ALA A 152 2.77 -15.36 -5.70
N GLU A 153 3.87 -14.61 -5.83
CA GLU A 153 4.61 -14.14 -4.64
C GLU A 153 3.85 -13.07 -3.86
N ILE A 154 3.21 -12.14 -4.55
CA ILE A 154 2.36 -11.16 -3.86
C ILE A 154 1.32 -11.88 -2.99
N ALA A 155 0.66 -12.88 -3.57
CA ALA A 155 -0.33 -13.68 -2.85
C ALA A 155 0.25 -14.35 -1.61
N GLU A 156 1.42 -14.98 -1.77
CA GLU A 156 2.07 -15.64 -0.63
C GLU A 156 2.43 -14.62 0.45
N LYS A 157 2.95 -13.47 0.03
CA LYS A 157 3.31 -12.40 0.96
C LYS A 157 2.09 -11.86 1.71
N MET A 158 1.02 -11.56 0.97
CA MET A 158 -0.23 -11.10 1.60
C MET A 158 -0.79 -12.13 2.59
N ALA A 159 -0.79 -13.41 2.20
CA ALA A 159 -1.23 -14.47 3.09
C ALA A 159 -0.43 -14.49 4.40
N THR A 160 0.88 -14.26 4.29
CA THR A 160 1.76 -14.24 5.46
C THR A 160 1.39 -13.10 6.42
N PHE A 161 1.15 -11.91 5.87
CA PHE A 161 0.73 -10.78 6.70
C PHE A 161 -0.64 -11.02 7.35
N HIS A 162 -1.55 -11.61 6.59
CA HIS A 162 -2.90 -11.92 7.09
C HIS A 162 -2.91 -12.90 8.23
N GLY A 163 -1.84 -13.68 8.36
CA GLY A 163 -1.80 -14.74 9.36
C GLY A 163 -1.30 -14.29 10.71
N MET A 164 -0.87 -13.05 10.78
CA MET A 164 -0.21 -12.64 12.00
CA MET A 164 -0.15 -12.43 11.89
C MET A 164 -1.01 -11.78 12.96
N LYS A 165 -0.59 -11.89 14.22
CA LYS A 165 -1.23 -11.20 15.33
C LYS A 165 -0.59 -9.84 15.56
N MET A 166 -1.41 -8.80 15.70
CA MET A 166 -0.92 -7.45 15.97
C MET A 166 -1.77 -6.82 17.08
N PRO A 167 -1.18 -5.93 17.89
CA PRO A 167 -1.86 -5.42 19.11
C PRO A 167 -2.85 -4.28 18.83
N PHE A 168 -3.60 -4.41 17.75
CA PHE A 168 -4.52 -3.37 17.27
C PHE A 168 -5.96 -3.83 17.33
N ASN A 169 -6.90 -2.89 17.27
CA ASN A 169 -8.32 -3.21 17.33
C ASN A 169 -8.75 -4.23 16.27
N LYS A 170 -9.42 -5.30 16.71
CA LYS A 170 -9.76 -6.38 15.82
C LYS A 170 -11.18 -6.28 15.25
N GLU A 171 -11.95 -5.29 15.70
CA GLU A 171 -13.27 -5.05 15.12
C GLU A 171 -13.07 -4.39 13.76
N PRO A 172 -13.68 -4.96 12.69
CA PRO A 172 -13.39 -4.49 11.33
C PRO A 172 -14.18 -3.21 11.00
N LYS A 173 -14.02 -2.19 11.82
CA LYS A 173 -14.78 -0.95 11.63
C LYS A 173 -14.15 -0.03 10.59
N TRP A 174 -12.90 -0.28 10.22
CA TRP A 174 -12.14 0.60 9.32
C TRP A 174 -12.79 0.88 7.98
N LEU A 175 -13.24 -0.18 7.30
CA LEU A 175 -13.69 -0.05 5.92
C LEU A 175 -14.90 0.87 5.78
N PHE A 176 -15.99 0.50 6.45
CA PHE A 176 -17.21 1.33 6.34
C PHE A 176 -17.13 2.59 7.18
N GLY A 177 -16.35 2.53 8.25
CA GLY A 177 -16.10 3.73 9.06
C GLY A 177 -15.45 4.83 8.26
N THR A 178 -14.43 4.47 7.48
CA THR A 178 -13.72 5.39 6.63
C THR A 178 -14.63 5.86 5.48
N MET A 179 -15.37 4.94 4.88
CA MET A 179 -16.26 5.35 3.76
C MET A 179 -17.34 6.33 4.20
N GLU A 180 -17.94 6.09 5.37
CA GLU A 180 -18.97 7.01 5.92
C GLU A 180 -18.41 8.39 6.23
N LYS A 181 -17.25 8.42 6.88
CA LYS A 181 -16.54 9.66 7.20
C LYS A 181 -16.20 10.45 5.93
N TYR A 182 -15.67 9.75 4.94
CA TYR A 182 -15.34 10.41 3.67
C TYR A 182 -16.56 10.86 2.90
N LEU A 183 -17.62 10.06 2.93
CA LEU A 183 -18.86 10.47 2.24
C LEU A 183 -19.44 11.76 2.83
N LYS A 184 -19.47 11.85 4.15
CA LYS A 184 -19.92 13.07 4.84
C LYS A 184 -19.10 14.28 4.40
N GLU A 185 -17.77 14.12 4.31
CA GLU A 185 -16.90 15.22 3.84
C GLU A 185 -17.24 15.62 2.40
N VAL A 186 -17.38 14.62 1.52
CA VAL A 186 -17.69 14.84 0.11
C VAL A 186 -18.98 15.67 -0.06
N LEU A 187 -20.00 15.36 0.74
CA LEU A 187 -21.28 16.10 0.68
C LEU A 187 -21.24 17.49 1.34
N ARG A 188 -20.10 17.87 1.88
CA ARG A 188 -19.96 19.21 2.45
C ARG A 188 -18.99 20.06 1.62
N ILE A 189 -18.35 19.46 0.61
CA ILE A 189 -17.38 20.19 -0.23
C ILE A 189 -18.02 21.33 -1.00
N LYS A 190 -17.43 22.51 -0.90
CA LYS A 190 -17.84 23.67 -1.69
C LYS A 190 -16.68 23.99 -2.63
N PHE A 191 -16.73 23.48 -3.86
CA PHE A 191 -15.75 23.81 -4.89
C PHE A 191 -16.00 25.21 -5.45
N THR A 192 -14.92 25.89 -5.84
CA THR A 192 -15.07 27.19 -6.52
C THR A 192 -14.76 27.09 -8.01
N GLU A 193 -13.98 26.07 -8.38
CA GLU A 193 -13.53 25.95 -9.76
C GLU A 193 -14.61 25.23 -10.58
N GLU A 194 -14.90 25.79 -11.76
CA GLU A 194 -16.03 25.35 -12.59
C GLU A 194 -16.02 23.85 -12.88
N SER A 195 -14.90 23.34 -13.35
CA SER A 195 -14.82 21.95 -13.78
C SER A 195 -15.04 20.97 -12.61
N ARG A 196 -14.51 21.30 -11.43
CA ARG A 196 -14.72 20.47 -10.25
C ARG A 196 -16.18 20.51 -9.80
N ILE A 197 -16.83 21.68 -9.90
CA ILE A 197 -18.25 21.78 -9.54
C ILE A 197 -19.07 20.84 -10.41
N LYS A 198 -18.83 20.86 -11.71
CA LYS A 198 -19.58 20.04 -12.66
C LYS A 198 -19.34 18.56 -12.43
N LYS A 199 -18.07 18.20 -12.26
CA LYS A 199 -17.72 16.79 -12.05
C LYS A 199 -18.29 16.27 -10.75
N LEU A 200 -18.26 17.09 -9.69
CA LEU A 200 -18.87 16.71 -8.41
C LEU A 200 -20.38 16.47 -8.54
N HIS A 201 -21.11 17.36 -9.23
CA HIS A 201 -22.56 17.18 -9.43
C HIS A 201 -22.87 15.84 -10.06
N LYS A 202 -22.08 15.44 -11.06
CA LYS A 202 -22.25 14.13 -11.70
C LYS A 202 -22.02 12.96 -10.73
N LEU A 203 -20.93 13.01 -9.97
CA LEU A 203 -20.61 11.93 -9.02
C LEU A 203 -21.66 11.80 -7.92
N LEU A 204 -22.19 12.93 -7.45
CA LEU A 204 -23.22 12.90 -6.41
C LEU A 204 -24.62 12.52 -6.93
N SER A 205 -24.80 12.58 -8.26
CA SER A 205 -26.11 12.30 -8.87
C SER A 205 -26.51 10.82 -8.73
N TYR A 206 -25.54 9.97 -8.42
CA TYR A 206 -25.79 8.54 -8.25
C TYR A 206 -26.56 8.22 -6.96
N ASN A 207 -26.69 9.20 -6.06
CA ASN A 207 -27.20 8.99 -4.71
C ASN A 207 -26.25 8.07 -3.92
N LEU A 208 -25.16 8.68 -3.45
CA LEU A 208 -24.09 7.93 -2.80
C LEU A 208 -24.48 7.35 -1.42
N PRO A 209 -25.30 8.06 -0.61
CA PRO A 209 -25.77 7.42 0.62
C PRO A 209 -26.52 6.12 0.38
N LEU A 210 -27.43 6.12 -0.59
CA LEU A 210 -28.18 4.91 -0.90
C LEU A 210 -27.24 3.82 -1.41
N GLU A 211 -26.34 4.17 -2.34
CA GLU A 211 -25.40 3.19 -2.89
C GLU A 211 -24.53 2.60 -1.79
N LEU A 212 -24.00 3.47 -0.92
CA LEU A 212 -23.17 2.96 0.21
C LEU A 212 -23.91 1.94 1.09
N GLU A 213 -25.17 2.21 1.42
CA GLU A 213 -25.88 1.30 2.33
C GLU A 213 -26.33 0.01 1.62
N ASN A 214 -26.49 0.08 0.30
CA ASN A 214 -26.73 -1.12 -0.52
C ASN A 214 -25.48 -1.99 -0.59
N LEU A 215 -24.32 -1.35 -0.68
CA LEU A 215 -23.04 -2.06 -0.63
C LEU A 215 -22.83 -2.69 0.75
N ARG A 216 -23.19 -1.97 1.81
CA ARG A 216 -23.12 -2.46 3.20
C ARG A 216 -23.96 -3.73 3.34
N SER A 217 -25.20 -3.67 2.86
CA SER A 217 -26.10 -4.84 2.83
C SER A 217 -25.46 -6.03 2.11
N LEU A 218 -24.96 -5.81 0.89
CA LEU A 218 -24.31 -6.86 0.12
C LEU A 218 -23.13 -7.50 0.85
N LEU A 219 -22.24 -6.65 1.38
CA LEU A 219 -21.05 -7.15 2.07
C LEU A 219 -21.37 -7.79 3.45
N GLU A 220 -22.42 -7.32 4.12
CA GLU A 220 -22.91 -7.97 5.37
C GLU A 220 -23.22 -9.45 5.14
N SER A 221 -23.68 -9.78 3.93
CA SER A 221 -24.03 -11.14 3.57
C SER A 221 -22.90 -11.90 2.85
N THR A 222 -21.67 -11.37 2.88
CA THR A 222 -20.53 -11.98 2.18
C THR A 222 -19.45 -12.34 3.20
N PRO A 223 -19.35 -13.63 3.59
CA PRO A 223 -18.33 -14.01 4.59
C PRO A 223 -16.91 -13.71 4.14
N SER A 224 -16.14 -13.16 5.05
CA SER A 224 -14.74 -12.83 4.79
C SER A 224 -14.03 -12.67 6.14
N PRO A 225 -12.99 -13.50 6.41
CA PRO A 225 -12.34 -13.40 7.71
C PRO A 225 -11.65 -12.05 7.94
N VAL A 226 -11.69 -11.60 9.19
CA VAL A 226 -11.03 -10.37 9.59
C VAL A 226 -9.57 -10.70 9.94
N VAL A 227 -8.66 -10.03 9.24
CA VAL A 227 -7.21 -10.29 9.29
C VAL A 227 -6.46 -8.96 9.24
N PHE A 228 -5.17 -8.99 9.59
CA PHE A 228 -4.34 -7.81 9.50
C PHE A 228 -4.05 -7.53 8.03
N CYS A 229 -4.62 -6.44 7.50
CA CYS A 229 -4.57 -6.13 6.06
C CYS A 229 -3.60 -4.99 5.78
N HIS A 230 -2.94 -5.05 4.63
CA HIS A 230 -2.10 -3.94 4.18
C HIS A 230 -2.94 -2.73 3.81
N ASN A 231 -4.02 -2.99 3.07
CA ASN A 231 -5.00 -1.97 2.60
C ASN A 231 -4.55 -1.10 1.44
N ASP A 232 -3.35 -1.34 0.92
CA ASP A 232 -2.83 -0.50 -0.16
C ASP A 232 -1.82 -1.31 -0.99
N CYS A 233 -2.16 -2.56 -1.33
CA CYS A 233 -1.19 -3.42 -1.99
C CYS A 233 -1.13 -3.18 -3.51
N GLN A 234 -0.26 -2.26 -3.90
CA GLN A 234 -0.08 -1.97 -5.33
C GLN A 234 1.40 -1.77 -5.64
N GLU A 235 1.70 -1.60 -6.92
CA GLU A 235 3.07 -1.68 -7.38
C GLU A 235 4.04 -0.71 -6.68
N GLY A 236 3.55 0.48 -6.33
CA GLY A 236 4.36 1.49 -5.63
C GLY A 236 4.85 1.06 -4.26
N ASN A 237 4.17 0.06 -3.69
CA ASN A 237 4.47 -0.43 -2.34
C ASN A 237 5.07 -1.83 -2.35
N ILE A 238 5.62 -2.24 -3.49
CA ILE A 238 6.23 -3.57 -3.61
C ILE A 238 7.63 -3.42 -4.19
N LEU A 239 8.63 -3.80 -3.40
CA LEU A 239 10.01 -3.74 -3.83
C LEU A 239 10.41 -5.00 -4.60
N LEU A 240 11.08 -4.79 -5.73
CA LEU A 240 11.78 -5.87 -6.44
C LEU A 240 13.23 -5.81 -5.98
N LEU A 241 13.64 -6.85 -5.27
CA LEU A 241 14.91 -6.87 -4.56
C LEU A 241 16.08 -6.97 -5.55
N GLU A 242 17.02 -6.04 -5.44
CA GLU A 242 18.10 -6.03 -6.39
CA GLU A 242 18.20 -5.98 -6.30
C GLU A 242 18.97 -7.29 -6.26
N GLY A 243 19.33 -7.83 -7.43
CA GLY A 243 20.12 -9.07 -7.48
C GLY A 243 19.29 -10.35 -7.40
N ARG A 244 17.99 -10.23 -7.10
CA ARG A 244 17.07 -11.37 -7.11
C ARG A 244 16.09 -11.35 -8.28
N GLU A 245 16.29 -10.45 -9.25
CA GLU A 245 15.27 -10.23 -10.30
C GLU A 245 15.00 -11.49 -11.12
N ASN A 246 16.02 -12.35 -11.22
CA ASN A 246 15.93 -13.61 -11.97
C ASN A 246 15.64 -14.84 -11.11
N SER A 247 15.43 -14.63 -9.81
CA SER A 247 15.14 -15.73 -8.91
C SER A 247 13.67 -16.12 -9.05
N GLU A 248 13.37 -17.40 -8.89
CA GLU A 248 12.01 -17.89 -8.98
C GLU A 248 11.08 -17.36 -7.88
N LYS A 249 11.55 -17.44 -6.64
CA LYS A 249 10.75 -17.04 -5.49
C LYS A 249 11.48 -15.99 -4.68
N GLN A 250 10.77 -15.43 -3.70
CA GLN A 250 11.36 -14.51 -2.72
C GLN A 250 12.16 -13.37 -3.36
N LYS A 251 11.60 -12.76 -4.39
CA LYS A 251 12.26 -11.57 -4.94
C LYS A 251 11.57 -10.26 -4.63
N LEU A 252 10.52 -10.31 -3.80
CA LEU A 252 9.74 -9.10 -3.44
C LEU A 252 9.73 -8.79 -1.94
N MET A 253 9.43 -7.55 -1.60
CA MET A 253 9.13 -7.18 -0.22
C MET A 253 7.96 -6.21 -0.28
N LEU A 254 6.90 -6.48 0.49
CA LEU A 254 5.81 -5.52 0.68
C LEU A 254 6.22 -4.47 1.67
N ILE A 255 6.03 -3.20 1.33
CA ILE A 255 6.38 -2.11 2.23
C ILE A 255 5.25 -1.12 2.40
N ASP A 256 5.47 -0.10 3.24
CA ASP A 256 4.53 1.04 3.39
C ASP A 256 3.17 0.58 3.96
N PHE A 257 3.22 0.07 5.19
CA PHE A 257 2.05 -0.45 5.88
C PHE A 257 1.32 0.64 6.67
N GLU A 258 1.55 1.92 6.36
CA GLU A 258 0.96 2.96 7.19
C GLU A 258 -0.57 3.00 7.22
N TYR A 259 -1.23 2.38 6.24
CA TYR A 259 -2.70 2.34 6.22
C TYR A 259 -3.26 1.00 6.67
N SER A 260 -2.38 0.15 7.22
CA SER A 260 -2.76 -1.19 7.65
CA SER A 260 -2.76 -1.20 7.66
C SER A 260 -3.70 -1.18 8.84
N SER A 261 -4.57 -2.17 8.91
CA SER A 261 -5.51 -2.32 10.01
C SER A 261 -6.12 -3.70 9.92
N TYR A 262 -6.77 -4.15 11.00
CA TYR A 262 -7.66 -5.30 10.85
C TYR A 262 -8.85 -4.93 9.96
N ASN A 263 -9.17 -5.80 9.02
CA ASN A 263 -10.12 -5.51 7.95
C ASN A 263 -10.50 -6.83 7.31
N TYR A 264 -11.53 -6.84 6.49
CA TYR A 264 -11.94 -8.02 5.76
C TYR A 264 -10.86 -8.45 4.75
N ARG A 265 -10.44 -9.71 4.82
CA ARG A 265 -9.46 -10.25 3.86
C ARG A 265 -9.84 -9.96 2.39
N GLY A 266 -11.13 -10.08 2.09
CA GLY A 266 -11.64 -9.81 0.76
C GLY A 266 -11.30 -8.41 0.24
N PHE A 267 -11.29 -7.43 1.13
CA PHE A 267 -10.85 -6.09 0.74
C PHE A 267 -9.40 -6.06 0.29
N ASP A 268 -8.50 -6.67 1.05
CA ASP A 268 -7.08 -6.58 0.70
C ASP A 268 -6.83 -7.21 -0.67
N ILE A 269 -7.47 -8.36 -0.94
CA ILE A 269 -7.27 -9.04 -2.20
C ILE A 269 -7.95 -8.29 -3.34
N GLY A 270 -9.23 -7.95 -3.13
CA GLY A 270 -10.02 -7.20 -4.12
C GLY A 270 -9.39 -5.85 -4.47
N ASN A 271 -8.91 -5.14 -3.46
CA ASN A 271 -8.22 -3.87 -3.68
C ASN A 271 -6.96 -4.05 -4.56
N HIS A 272 -6.18 -5.10 -4.27
CA HIS A 272 -5.03 -5.43 -5.12
C HIS A 272 -5.41 -5.68 -6.57
N PHE A 273 -6.47 -6.47 -6.76
CA PHE A 273 -6.95 -6.76 -8.11
C PHE A 273 -7.34 -5.47 -8.83
N CYS A 274 -7.98 -4.55 -8.12
CA CYS A 274 -8.38 -3.27 -8.77
C CYS A 274 -7.15 -2.53 -9.26
N GLU A 275 -6.05 -2.62 -8.51
CA GLU A 275 -4.82 -1.89 -8.88
C GLU A 275 -4.17 -2.39 -10.17
N TRP A 276 -4.57 -3.56 -10.66
CA TRP A 276 -4.10 -3.98 -11.99
C TRP A 276 -4.51 -3.03 -13.09
N MET A 277 -5.58 -2.27 -12.85
CA MET A 277 -6.18 -1.40 -13.88
C MET A 277 -5.60 0.01 -13.99
N TYR A 278 -4.77 0.42 -13.02
CA TYR A 278 -4.34 1.82 -12.93
C TYR A 278 -2.85 1.98 -13.01
N ASP A 279 -2.42 2.83 -13.95
CA ASP A 279 -1.01 3.18 -14.14
C ASP A 279 -0.83 4.63 -13.74
N TYR A 280 -0.04 4.86 -12.69
CA TYR A 280 0.12 6.19 -12.14
C TYR A 280 1.38 6.88 -12.65
N SER A 281 1.98 6.29 -13.69
CA SER A 281 3.24 6.79 -14.25
C SER A 281 3.05 7.71 -15.47
N TYR A 282 1.80 7.86 -15.90
CA TYR A 282 1.45 8.69 -17.07
C TYR A 282 1.91 10.12 -16.86
N GLU A 283 2.69 10.66 -17.80
CA GLU A 283 3.40 11.92 -17.54
C GLU A 283 2.66 13.20 -17.95
N LYS A 284 1.44 13.06 -18.44
CA LYS A 284 0.60 14.22 -18.75
C LYS A 284 -0.74 14.12 -18.01
N TYR A 285 -1.42 15.25 -17.82
CA TYR A 285 -2.75 15.28 -17.19
C TYR A 285 -3.70 14.27 -17.83
N PRO A 286 -4.44 13.49 -17.02
CA PRO A 286 -4.60 13.54 -15.56
C PRO A 286 -3.58 12.76 -14.70
N PHE A 287 -2.48 12.33 -15.32
CA PHE A 287 -1.33 11.70 -14.63
C PHE A 287 -1.60 10.26 -14.18
N PHE A 288 -2.60 9.65 -14.78
CA PHE A 288 -2.88 8.22 -14.65
C PHE A 288 -3.55 7.71 -15.91
N ARG A 289 -3.43 6.41 -16.16
CA ARG A 289 -4.23 5.75 -17.17
C ARG A 289 -5.05 4.66 -16.47
N ALA A 290 -6.28 4.47 -16.95
CA ALA A 290 -7.16 3.41 -16.44
C ALA A 290 -7.59 2.52 -17.58
N ASN A 291 -7.51 1.22 -17.38
CA ASN A 291 -7.96 0.26 -18.37
C ASN A 291 -8.77 -0.87 -17.71
N ILE A 292 -10.08 -0.86 -17.94
CA ILE A 292 -10.98 -1.86 -17.33
C ILE A 292 -10.63 -3.28 -17.76
N ARG A 293 -10.08 -3.39 -18.96
CA ARG A 293 -9.71 -4.68 -19.55
C ARG A 293 -8.52 -5.34 -18.87
N LYS A 294 -7.80 -4.59 -18.04
CA LYS A 294 -6.62 -5.11 -17.35
C LYS A 294 -6.93 -5.71 -15.97
N TYR A 295 -8.19 -5.65 -15.54
CA TYR A 295 -8.58 -6.36 -14.33
C TYR A 295 -8.25 -7.85 -14.55
N PRO A 296 -7.73 -8.54 -13.52
CA PRO A 296 -7.41 -9.96 -13.75
C PRO A 296 -8.62 -10.78 -14.24
N THR A 297 -8.39 -11.62 -15.24
CA THR A 297 -9.40 -12.56 -15.69
C THR A 297 -9.62 -13.60 -14.57
N LYS A 298 -10.70 -14.35 -14.63
CA LYS A 298 -10.92 -15.40 -13.63
C LYS A 298 -9.75 -16.39 -13.57
N LYS A 299 -9.15 -16.71 -14.73
CA LYS A 299 -7.94 -17.56 -14.76
C LYS A 299 -6.82 -16.96 -13.91
N GLN A 300 -6.57 -15.67 -14.10
CA GLN A 300 -5.51 -14.98 -13.34
C GLN A 300 -5.86 -14.85 -11.85
N GLN A 301 -7.12 -14.64 -11.55
CA GLN A 301 -7.57 -14.58 -10.15
C GLN A 301 -7.34 -15.93 -9.46
N LEU A 302 -7.68 -17.02 -10.15
CA LEU A 302 -7.45 -18.37 -9.64
C LEU A 302 -5.98 -18.68 -9.35
N HIS A 303 -5.09 -18.26 -10.25
CA HIS A 303 -3.65 -18.37 -10.02
C HIS A 303 -3.22 -17.67 -8.74
N PHE A 304 -3.69 -16.45 -8.55
CA PHE A 304 -3.39 -15.69 -7.33
C PHE A 304 -3.88 -16.42 -6.09
N ILE A 305 -5.17 -16.80 -6.08
CA ILE A 305 -5.71 -17.43 -4.86
C ILE A 305 -5.13 -18.83 -4.63
N SER A 306 -4.74 -19.52 -5.70
CA SER A 306 -4.07 -20.83 -5.54
C SER A 306 -2.72 -20.75 -4.81
N SER A 307 -2.09 -19.58 -4.84
CA SER A 307 -0.87 -19.35 -4.09
CA SER A 307 -0.86 -19.33 -4.10
C SER A 307 -1.17 -18.81 -2.70
N TYR A 308 -2.21 -18.00 -2.61
CA TYR A 308 -2.59 -17.40 -1.33
C TYR A 308 -2.97 -18.49 -0.32
N LEU A 309 -3.86 -19.38 -0.75
CA LEU A 309 -4.46 -20.35 0.17
C LEU A 309 -3.48 -21.25 0.93
N PRO A 310 -2.55 -21.95 0.25
CA PRO A 310 -1.60 -22.78 1.01
C PRO A 310 -0.66 -21.97 1.89
N ALA A 311 -0.45 -20.69 1.55
CA ALA A 311 0.35 -19.82 2.41
C ALA A 311 -0.43 -19.34 3.63
N PHE A 312 -1.76 -19.30 3.55
CA PHE A 312 -2.61 -18.83 4.66
C PHE A 312 -3.12 -19.96 5.57
N GLN A 313 -3.26 -21.16 4.99
CA GLN A 313 -3.77 -22.36 5.69
C GLN A 313 -2.83 -23.50 5.26
N ASN A 314 -1.88 -23.88 6.13
CA ASN A 314 -0.69 -24.62 5.66
C ASN A 314 -0.85 -26.12 5.29
N ASP A 315 -1.97 -26.73 5.67
CA ASP A 315 -2.29 -28.09 5.21
C ASP A 315 -3.34 -28.05 4.09
N PHE A 316 -3.55 -26.87 3.52
CA PHE A 316 -4.54 -26.70 2.46
C PHE A 316 -4.38 -27.72 1.33
N GLU A 317 -3.15 -27.97 0.89
CA GLU A 317 -2.96 -28.84 -0.29
C GLU A 317 -3.44 -30.27 -0.04
N ASN A 318 -3.44 -30.67 1.23
CA ASN A 318 -3.91 -32.02 1.63
C ASN A 318 -5.43 -32.22 1.57
N LEU A 319 -6.18 -31.14 1.36
CA LEU A 319 -7.63 -31.23 1.17
C LEU A 319 -7.90 -31.88 -0.19
N SER A 320 -9.09 -32.42 -0.39
CA SER A 320 -9.46 -33.03 -1.67
C SER A 320 -9.50 -31.95 -2.76
N THR A 321 -9.30 -32.37 -4.01
CA THR A 321 -9.36 -31.43 -5.15
C THR A 321 -10.71 -30.71 -5.12
N GLU A 322 -11.76 -31.46 -4.76
CA GLU A 322 -13.10 -30.90 -4.69
C GLU A 322 -13.31 -29.89 -3.55
N GLU A 323 -12.78 -30.16 -2.35
CA GLU A 323 -12.94 -29.19 -1.25
C GLU A 323 -12.14 -27.92 -1.54
N LYS A 324 -10.96 -28.10 -2.13
CA LYS A 324 -10.13 -26.95 -2.54
C LYS A 324 -10.91 -26.13 -3.57
N SER A 325 -11.55 -26.82 -4.52
CA SER A 325 -12.31 -26.17 -5.60
C SER A 325 -13.42 -25.30 -5.04
N ILE A 326 -14.17 -25.81 -4.06
CA ILE A 326 -15.27 -25.03 -3.47
C ILE A 326 -14.75 -23.80 -2.71
N ILE A 327 -13.71 -23.98 -1.92
CA ILE A 327 -13.08 -22.87 -1.21
C ILE A 327 -12.63 -21.78 -2.21
N LYS A 328 -12.01 -22.18 -3.32
CA LYS A 328 -11.58 -21.22 -4.35
C LYS A 328 -12.76 -20.49 -4.99
N GLU A 329 -13.81 -21.24 -5.31
CA GLU A 329 -15.02 -20.61 -5.87
C GLU A 329 -15.62 -19.58 -4.92
N GLU A 330 -15.74 -19.92 -3.64
CA GLU A 330 -16.32 -19.02 -2.68
C GLU A 330 -15.43 -17.78 -2.46
N MET A 331 -14.12 -17.98 -2.54
CA MET A 331 -13.18 -16.85 -2.43
C MET A 331 -13.27 -15.90 -3.64
N LEU A 332 -13.42 -16.45 -4.84
CA LEU A 332 -13.61 -15.64 -6.06
C LEU A 332 -14.82 -14.71 -5.91
N LEU A 333 -15.94 -15.25 -5.43
CA LEU A 333 -17.12 -14.43 -5.17
C LEU A 333 -16.86 -13.32 -4.13
N GLU A 334 -16.22 -13.70 -3.02
CA GLU A 334 -15.88 -12.81 -1.91
C GLU A 334 -15.03 -11.63 -2.37
N VAL A 335 -13.95 -11.93 -3.09
CA VAL A 335 -12.96 -10.88 -3.42
C VAL A 335 -13.52 -9.92 -4.46
N ASN A 336 -14.32 -10.46 -5.38
CA ASN A 336 -14.94 -9.62 -6.41
C ASN A 336 -16.05 -8.72 -5.89
N ARG A 337 -16.74 -9.14 -4.84
CA ARG A 337 -17.70 -8.28 -4.18
C ARG A 337 -16.95 -7.20 -3.40
N PHE A 338 -15.90 -7.61 -2.69
CA PHE A 338 -15.13 -6.62 -1.91
C PHE A 338 -14.39 -5.60 -2.79
N ALA A 339 -14.07 -6.00 -4.02
CA ALA A 339 -13.50 -5.06 -5.03
C ALA A 339 -14.36 -3.81 -5.21
N LEU A 340 -15.69 -3.97 -5.09
CA LEU A 340 -16.62 -2.84 -5.13
C LEU A 340 -16.29 -1.82 -4.05
N ALA A 341 -15.95 -2.27 -2.84
CA ALA A 341 -15.59 -1.31 -1.78
C ALA A 341 -14.26 -0.61 -2.05
N SER A 342 -13.34 -1.27 -2.74
CA SER A 342 -12.11 -0.59 -3.14
C SER A 342 -12.43 0.61 -4.06
N HIS A 343 -13.26 0.36 -5.07
CA HIS A 343 -13.67 1.47 -5.94
C HIS A 343 -14.36 2.58 -5.18
N PHE A 344 -15.31 2.23 -4.32
CA PHE A 344 -16.13 3.24 -3.62
C PHE A 344 -15.24 4.04 -2.67
N LEU A 345 -14.40 3.34 -1.90
CA LEU A 345 -13.51 4.03 -0.95
C LEU A 345 -12.53 4.98 -1.65
N TRP A 346 -11.81 4.49 -2.65
CA TRP A 346 -10.83 5.31 -3.35
C TRP A 346 -11.47 6.43 -4.12
N GLY A 347 -12.68 6.19 -4.65
CA GLY A 347 -13.41 7.24 -5.37
C GLY A 347 -13.71 8.41 -4.44
N LEU A 348 -14.24 8.11 -3.25
CA LEU A 348 -14.50 9.15 -2.23
C LEU A 348 -13.21 9.83 -1.81
N TRP A 349 -12.18 9.05 -1.48
CA TRP A 349 -10.87 9.63 -1.16
C TRP A 349 -10.40 10.64 -2.19
N SER A 350 -10.54 10.31 -3.47
CA SER A 350 -10.02 11.14 -4.55
C SER A 350 -10.77 12.47 -4.64
N ILE A 351 -12.09 12.44 -4.42
CA ILE A 351 -12.88 13.70 -4.41
C ILE A 351 -12.40 14.63 -3.30
N VAL A 352 -12.15 14.07 -2.11
CA VAL A 352 -11.63 14.85 -0.99
C VAL A 352 -10.25 15.44 -1.34
N GLN A 353 -9.37 14.64 -1.94
CA GLN A 353 -8.07 15.16 -2.39
C GLN A 353 -8.16 16.34 -3.36
N ALA A 354 -9.14 16.30 -4.27
CA ALA A 354 -9.35 17.38 -5.23
C ALA A 354 -9.54 18.71 -4.51
N LYS A 355 -10.20 18.65 -3.35
CA LYS A 355 -10.42 19.82 -2.51
C LYS A 355 -9.23 20.20 -1.63
N ILE A 356 -8.59 19.21 -1.00
CA ILE A 356 -7.63 19.49 0.09
C ILE A 356 -6.14 19.31 -0.23
N SER A 357 -5.82 18.63 -1.33
CA SER A 357 -4.43 18.24 -1.62
C SER A 357 -3.57 19.42 -2.06
N SER A 358 -2.27 19.34 -1.77
CA SER A 358 -1.31 20.33 -2.28
C SER A 358 -0.45 19.75 -3.40
N ILE A 359 -0.77 18.53 -3.82
CA ILE A 359 -0.05 17.84 -4.90
C ILE A 359 -0.91 17.69 -6.16
N GLU A 360 -0.36 18.08 -7.31
CA GLU A 360 -1.03 18.01 -8.61
C GLU A 360 -1.30 16.58 -9.09
N PHE A 361 -2.56 16.31 -9.45
CA PHE A 361 -3.02 15.00 -9.94
C PHE A 361 -4.46 15.20 -10.42
N GLY A 362 -4.88 14.42 -11.42
CA GLY A 362 -6.27 14.47 -11.91
C GLY A 362 -7.26 13.80 -10.96
N TYR A 363 -7.42 14.33 -9.75
CA TYR A 363 -8.26 13.65 -8.73
C TYR A 363 -9.71 13.43 -9.12
N MET A 364 -10.36 14.42 -9.73
CA MET A 364 -11.77 14.24 -10.10
C MET A 364 -11.96 13.21 -11.21
N ASP A 365 -11.03 13.22 -12.16
CA ASP A 365 -11.04 12.24 -13.24
C ASP A 365 -10.78 10.84 -12.72
N TYR A 366 -9.88 10.73 -11.75
CA TYR A 366 -9.61 9.44 -11.08
C TYR A 366 -10.84 8.96 -10.31
N ALA A 367 -11.50 9.86 -9.60
CA ALA A 367 -12.74 9.50 -8.90
C ALA A 367 -13.74 8.95 -9.90
N GLN A 368 -13.89 9.62 -11.04
CA GLN A 368 -14.85 9.13 -12.04
C GLN A 368 -14.46 7.75 -12.58
N ALA A 369 -13.16 7.52 -12.75
CA ALA A 369 -12.69 6.22 -13.21
C ALA A 369 -13.05 5.14 -12.18
N ARG A 370 -12.90 5.44 -10.90
CA ARG A 370 -13.25 4.43 -9.88
C ARG A 370 -14.77 4.15 -9.84
N PHE A 371 -15.57 5.20 -9.96
CA PHE A 371 -17.01 4.98 -9.94
C PHE A 371 -17.51 4.32 -11.23
N ASP A 372 -16.87 4.61 -12.37
CA ASP A 372 -17.18 3.88 -13.62
C ASP A 372 -16.91 2.38 -13.46
N ALA A 373 -15.78 2.06 -12.81
CA ALA A 373 -15.40 0.68 -12.57
C ALA A 373 -16.34 0.01 -11.58
N TYR A 374 -16.77 0.76 -10.58
CA TYR A 374 -17.77 0.30 -9.61
C TYR A 374 -19.04 -0.18 -10.32
N PHE A 375 -19.59 0.66 -11.19
CA PHE A 375 -20.86 0.27 -11.83
C PHE A 375 -20.65 -0.84 -12.86
N HIS A 376 -19.48 -0.83 -13.51
CA HIS A 376 -19.12 -1.87 -14.48
C HIS A 376 -19.05 -3.21 -13.82
N GLN A 377 -18.35 -3.27 -12.69
CA GLN A 377 -18.24 -4.48 -11.87
C GLN A 377 -19.61 -4.94 -11.35
N LYS A 378 -20.41 -4.01 -10.86
CA LYS A 378 -21.81 -4.29 -10.46
C LYS A 378 -22.62 -4.95 -11.58
N ARG A 379 -22.51 -4.42 -12.80
CA ARG A 379 -23.21 -4.95 -13.99
C ARG A 379 -22.77 -6.40 -14.28
N LYS A 380 -21.45 -6.61 -14.29
CA LYS A 380 -20.87 -7.95 -14.52
C LYS A 380 -21.28 -8.97 -13.46
N LEU A 381 -21.34 -8.53 -12.20
CA LEU A 381 -21.74 -9.37 -11.08
C LEU A 381 -23.27 -9.58 -11.00
N GLY A 382 -24.01 -8.71 -11.67
CA GLY A 382 -25.48 -8.77 -11.64
C GLY A 382 -26.04 -8.38 -10.28
N VAL A 383 -25.32 -7.50 -9.58
CA VAL A 383 -25.73 -7.05 -8.26
C VAL A 383 -25.81 -5.52 -8.21
#